data_5XBI
#
_entry.id   5XBI
#
_cell.length_a   39.705
_cell.length_b   103.628
_cell.length_c   39.774
_cell.angle_alpha   90.00
_cell.angle_beta   118.99
_cell.angle_gamma   90.00
#
_symmetry.space_group_name_H-M   'P 1 21 1'
#
loop_
_entity.id
_entity.type
_entity.pdbx_description
1 polymer 'Probable transcriptional regulator'
2 non-polymer 3-azanylphenazin-2-ol
3 non-polymer DI(HYDROXYETHYL)ETHER
4 water water
#
_entity_poly.entity_id   1
_entity_poly.type   'polypeptide(L)'
_entity_poly.pdbx_seq_one_letter_code
;GSMHARIVERPAFSVVGMEYFGSAPGDTIGQLWERFIPREHEIAGKHDPEVSYGICAQQPNGEFHYVAGFEVQEGWPVPE
GMVRFQVPAQKYAVFTHKGTAPQIAESFQAIYSHLLAERGLEPKAGVDFEYYDQRFRGPLDPNSQVDLYIPIY
;
_entity_poly.pdbx_strand_id   A,B
#
# COMPACT_ATOMS: atom_id res chain seq x y z
N ALA A 5 -12.36 -14.69 -1.05
CA ALA A 5 -12.65 -13.55 -1.90
C ALA A 5 -13.86 -13.80 -2.81
N ARG A 6 -14.67 -12.77 -3.00
CA ARG A 6 -15.87 -12.84 -3.82
C ARG A 6 -15.58 -12.23 -5.18
N ILE A 7 -16.10 -12.84 -6.24
CA ILE A 7 -15.93 -12.33 -7.60
C ILE A 7 -17.21 -11.63 -8.02
N VAL A 8 -17.09 -10.35 -8.40
CA VAL A 8 -18.25 -9.51 -8.73
C VAL A 8 -17.94 -8.77 -10.03
N GLU A 9 -18.93 -8.67 -10.90
CA GLU A 9 -18.87 -7.77 -12.05
C GLU A 9 -19.83 -6.60 -11.81
N ARG A 10 -19.41 -5.40 -12.18
CA ARG A 10 -20.25 -4.22 -12.09
C ARG A 10 -20.15 -3.40 -13.37
N PRO A 11 -21.25 -2.78 -13.79
CA PRO A 11 -21.18 -1.81 -14.88
C PRO A 11 -20.48 -0.55 -14.40
N ALA A 12 -20.22 0.34 -15.36
CA ALA A 12 -19.62 1.62 -15.04
C ALA A 12 -20.49 2.41 -14.09
N PHE A 13 -19.87 3.22 -13.23
CA PHE A 13 -20.61 4.08 -12.33
C PHE A 13 -19.82 5.36 -12.07
N SER A 14 -20.55 6.40 -11.67
CA SER A 14 -20.00 7.73 -11.47
C SER A 14 -19.81 7.99 -9.98
N VAL A 15 -18.66 8.54 -9.61
CA VAL A 15 -18.36 8.91 -8.24
C VAL A 15 -18.07 10.41 -8.18
N VAL A 16 -18.60 11.07 -7.16
CA VAL A 16 -18.34 12.49 -6.91
C VAL A 16 -17.71 12.64 -5.54
N GLY A 17 -16.62 13.41 -5.46
CA GLY A 17 -15.99 13.68 -4.18
C GLY A 17 -14.73 14.50 -4.33
N MET A 18 -13.80 14.33 -3.39
CA MET A 18 -12.59 15.14 -3.38
C MET A 18 -11.38 14.27 -3.67
N GLU A 19 -10.37 14.86 -4.29
CA GLU A 19 -9.27 14.07 -4.81
C GLU A 19 -7.93 14.45 -4.18
N TYR A 20 -6.99 13.51 -4.34
CA TYR A 20 -5.63 13.59 -3.84
C TYR A 20 -4.70 13.11 -4.94
N PHE A 21 -3.58 13.79 -5.12
CA PHE A 21 -2.59 13.41 -6.11
C PHE A 21 -1.30 12.99 -5.41
N GLY A 22 -0.73 11.87 -5.84
CA GLY A 22 0.49 11.37 -5.23
C GLY A 22 1.68 12.29 -5.37
N SER A 23 1.66 13.18 -6.37
CA SER A 23 2.75 14.13 -6.58
C SER A 23 2.43 15.49 -5.95
N PRO A 25 2.19 17.96 -2.79
CA PRO A 25 3.06 18.33 -1.66
C PRO A 25 2.27 18.61 -0.39
N GLY A 26 2.67 17.98 0.72
CA GLY A 26 2.08 18.22 2.02
C GLY A 26 0.77 17.51 2.29
N ASP A 27 0.08 17.03 1.27
CA ASP A 27 -1.23 16.40 1.44
C ASP A 27 -1.07 14.91 1.74
N THR A 28 -2.11 14.33 2.35
CA THR A 28 -2.18 12.90 2.63
C THR A 28 -3.61 12.42 2.40
N ILE A 29 -3.76 11.10 2.20
CA ILE A 29 -5.10 10.53 2.06
C ILE A 29 -5.91 10.74 3.33
N GLY A 30 -5.26 10.61 4.48
CA GLY A 30 -5.96 10.86 5.74
C GLY A 30 -6.44 12.28 5.87
N GLN A 31 -5.62 13.25 5.43
CA GLN A 31 -6.05 14.64 5.45
C GLN A 31 -7.17 14.89 4.43
N LEU A 32 -7.14 14.18 3.30
CA LEU A 32 -8.24 14.28 2.34
C LEU A 32 -9.57 13.89 2.96
N TRP A 33 -9.63 12.72 3.60
CA TRP A 33 -10.87 12.30 4.25
C TRP A 33 -11.31 13.29 5.32
N GLU A 34 -10.35 13.82 6.10
CA GLU A 34 -10.72 14.74 7.17
C GLU A 34 -11.36 16.01 6.63
N ARG A 35 -10.88 16.51 5.49
CA ARG A 35 -11.50 17.70 4.90
C ARG A 35 -12.78 17.37 4.12
N PHE A 36 -12.95 16.11 3.69
CA PHE A 36 -14.14 15.72 2.93
C PHE A 36 -15.33 15.47 3.83
N ILE A 37 -15.10 14.86 5.00
CA ILE A 37 -16.20 14.47 5.90
C ILE A 37 -17.22 15.58 6.14
N PRO A 38 -16.83 16.80 6.54
CA PRO A 38 -17.84 17.84 6.79
C PRO A 38 -18.60 18.29 5.55
N ARG A 39 -18.14 17.92 4.36
CA ARG A 39 -18.73 18.36 3.11
C ARG A 39 -19.50 17.27 2.39
N GLU A 40 -19.50 16.04 2.93
CA GLU A 40 -20.14 14.92 2.24
C GLU A 40 -21.63 15.18 1.99
N HIS A 41 -22.30 15.87 2.92
CA HIS A 41 -23.73 16.11 2.79
C HIS A 41 -24.07 16.98 1.59
N GLU A 42 -23.10 17.66 1.01
CA GLU A 42 -23.37 18.59 -0.09
C GLU A 42 -23.69 17.87 -1.39
N ILE A 43 -23.32 16.60 -1.52
CA ILE A 43 -23.38 15.88 -2.78
C ILE A 43 -24.78 15.36 -3.01
N ALA A 44 -25.45 15.86 -4.05
CA ALA A 44 -26.78 15.41 -4.43
C ALA A 44 -26.69 14.18 -5.34
N GLY A 45 -27.80 13.43 -5.40
CA GLY A 45 -27.88 12.29 -6.29
C GLY A 45 -27.28 10.99 -5.77
N LYS A 46 -27.02 10.88 -4.46
CA LYS A 46 -26.34 9.69 -3.95
C LYS A 46 -27.15 8.42 -4.17
N HIS A 47 -26.47 7.39 -4.66
CA HIS A 47 -27.03 6.04 -4.74
C HIS A 47 -27.34 5.49 -3.35
N ASP A 48 -26.41 5.65 -2.40
CA ASP A 48 -26.52 5.11 -1.05
C ASP A 48 -25.60 5.91 -0.14
N PRO A 49 -26.13 6.83 0.68
CA PRO A 49 -25.26 7.63 1.54
C PRO A 49 -24.55 6.82 2.61
N GLU A 50 -24.93 5.56 2.83
CA GLU A 50 -24.22 4.70 3.77
C GLU A 50 -22.92 4.14 3.21
N VAL A 51 -22.68 4.29 1.91
CA VAL A 51 -21.50 3.72 1.25
C VAL A 51 -20.64 4.85 0.71
N SER A 52 -19.34 4.79 1.00
CA SER A 52 -18.40 5.71 0.37
C SER A 52 -17.25 4.91 -0.24
N TYR A 53 -16.51 5.57 -1.13
CA TYR A 53 -15.48 4.94 -1.93
C TYR A 53 -14.13 5.64 -1.76
N GLY A 54 -13.08 4.83 -1.71
CA GLY A 54 -11.72 5.31 -1.86
C GLY A 54 -11.18 4.78 -3.16
N ILE A 55 -11.25 5.60 -4.20
CA ILE A 55 -10.87 5.19 -5.55
C ILE A 55 -9.36 5.28 -5.66
N CYS A 56 -8.71 4.16 -6.04
CA CYS A 56 -7.28 4.13 -6.27
C CYS A 56 -7.09 4.00 -7.78
N ALA A 57 -6.72 5.09 -8.42
CA ALA A 57 -6.59 5.16 -9.85
C ALA A 57 -5.18 5.57 -10.21
N GLN A 58 -4.90 5.61 -11.51
CA GLN A 58 -3.58 5.99 -11.96
C GLN A 58 -3.70 6.96 -13.13
N GLN A 59 -2.93 8.03 -13.10
CA GLN A 59 -2.85 8.92 -14.23
C GLN A 59 -2.04 8.26 -15.34
N PRO A 60 -2.23 8.71 -16.59
CA PRO A 60 -1.42 8.17 -17.69
C PRO A 60 0.08 8.20 -17.42
N ASN A 61 0.58 9.21 -16.70
CA ASN A 61 1.99 9.28 -16.37
C ASN A 61 2.43 8.31 -15.27
N GLY A 62 1.49 7.56 -14.69
CA GLY A 62 1.79 6.62 -13.63
C GLY A 62 1.56 7.15 -12.23
N GLU A 63 1.22 8.43 -12.08
CA GLU A 63 1.05 9.03 -10.78
C GLU A 63 -0.20 8.47 -10.09
N PHE A 64 -0.04 8.09 -8.82
CA PHE A 64 -1.15 7.61 -8.01
C PHE A 64 -2.19 8.71 -7.84
N HIS A 65 -3.47 8.36 -8.03
CA HIS A 65 -4.58 9.31 -7.97
C HIS A 65 -5.67 8.69 -7.12
N TYR A 66 -6.14 9.43 -6.11
CA TYR A 66 -7.12 8.90 -5.18
C TYR A 66 -8.32 9.83 -5.11
N VAL A 67 -9.52 9.26 -5.07
CA VAL A 67 -10.74 10.04 -4.91
C VAL A 67 -11.54 9.45 -3.76
N ALA A 68 -11.90 10.30 -2.79
CA ALA A 68 -12.81 9.95 -1.72
C ALA A 68 -14.18 10.46 -2.16
N GLY A 69 -15.16 9.56 -2.30
CA GLY A 69 -16.40 10.04 -2.85
C GLY A 69 -17.56 9.10 -2.69
N PHE A 70 -18.68 9.49 -3.33
CA PHE A 70 -19.92 8.76 -3.27
C PHE A 70 -20.36 8.40 -4.69
N GLU A 71 -20.94 7.21 -4.83
CA GLU A 71 -21.58 6.86 -6.10
C GLU A 71 -22.84 7.69 -6.27
N VAL A 72 -22.98 8.30 -7.45
CA VAL A 72 -24.10 9.20 -7.71
C VAL A 72 -24.79 8.82 -9.01
N GLN A 73 -26.10 9.01 -9.03
CA GLN A 73 -26.83 9.12 -10.27
C GLN A 73 -26.29 10.29 -11.07
N GLU A 74 -26.22 10.14 -12.39
CA GLU A 74 -25.72 11.20 -13.25
C GLU A 74 -26.68 12.40 -13.25
N GLY A 75 -26.13 13.55 -13.61
CA GLY A 75 -26.93 14.73 -13.86
C GLY A 75 -27.11 15.68 -12.69
N TRP A 76 -26.52 15.40 -11.55
CA TRP A 76 -26.57 16.29 -10.41
C TRP A 76 -25.28 17.08 -10.30
N PRO A 77 -25.26 18.20 -9.59
CA PRO A 77 -24.06 19.04 -9.56
C PRO A 77 -22.88 18.38 -8.86
N VAL A 78 -21.69 18.80 -9.28
CA VAL A 78 -20.45 18.50 -8.57
C VAL A 78 -20.09 19.74 -7.76
N PRO A 79 -20.08 19.68 -6.43
CA PRO A 79 -19.82 20.89 -5.63
C PRO A 79 -18.44 21.50 -5.88
N GLU A 80 -18.33 22.78 -5.53
CA GLU A 80 -17.06 23.49 -5.59
C GLU A 80 -16.01 22.71 -4.81
N GLY A 81 -14.83 22.57 -5.41
CA GLY A 81 -13.75 21.84 -4.78
C GLY A 81 -13.85 20.33 -4.89
N MET A 82 -14.82 19.83 -5.62
CA MET A 82 -15.00 18.40 -5.83
C MET A 82 -14.87 18.09 -7.32
N VAL A 83 -14.90 16.79 -7.65
CA VAL A 83 -14.74 16.32 -9.02
C VAL A 83 -15.66 15.13 -9.25
N ARG A 84 -16.04 14.92 -10.52
CA ARG A 84 -16.63 13.66 -10.95
C ARG A 84 -15.53 12.71 -11.44
N PHE A 85 -15.64 11.44 -11.08
CA PHE A 85 -14.71 10.43 -11.54
C PHE A 85 -15.49 9.24 -12.09
N GLN A 86 -15.12 8.79 -13.28
CA GLN A 86 -15.79 7.67 -13.94
C GLN A 86 -15.08 6.35 -13.60
N VAL A 87 -15.77 5.45 -12.90
CA VAL A 87 -15.29 4.09 -12.69
C VAL A 87 -15.79 3.25 -13.85
N PRO A 88 -14.91 2.61 -14.62
CA PRO A 88 -15.37 1.84 -15.78
C PRO A 88 -15.96 0.50 -15.34
N ALA A 89 -16.67 -0.13 -16.28
CA ALA A 89 -17.16 -1.49 -16.08
C ALA A 89 -15.99 -2.44 -15.91
N GLN A 90 -16.01 -3.22 -14.83
CA GLN A 90 -14.91 -4.12 -14.52
C GLN A 90 -15.43 -5.36 -13.83
N LYS A 91 -14.56 -6.36 -13.76
CA LYS A 91 -14.74 -7.57 -12.97
C LYS A 91 -13.75 -7.46 -11.81
N TYR A 92 -14.18 -7.83 -10.60
CA TYR A 92 -13.38 -7.61 -9.41
C TYR A 92 -13.30 -8.87 -8.56
N ALA A 93 -12.16 -9.03 -7.89
CA ALA A 93 -12.05 -9.88 -6.72
C ALA A 93 -12.19 -8.97 -5.50
N VAL A 94 -13.07 -9.34 -4.58
CA VAL A 94 -13.38 -8.51 -3.42
C VAL A 94 -12.78 -9.16 -2.20
N PHE A 95 -11.83 -8.47 -1.57
CA PHE A 95 -11.20 -8.92 -0.34
C PHE A 95 -11.69 -8.02 0.80
N THR A 96 -12.01 -8.62 1.93
CA THR A 96 -12.44 -7.87 3.10
C THR A 96 -11.23 -7.58 3.97
N HIS A 97 -10.85 -6.31 4.03
CA HIS A 97 -9.80 -5.86 4.92
C HIS A 97 -10.36 -5.64 6.31
N LYS A 98 -9.73 -6.24 7.32
CA LYS A 98 -10.09 -6.06 8.72
C LYS A 98 -8.94 -5.33 9.39
N GLY A 99 -9.20 -4.11 9.84
CA GLY A 99 -8.16 -3.29 10.44
C GLY A 99 -8.44 -1.82 10.20
N THR A 100 -7.42 -1.01 10.44
CA THR A 100 -7.60 0.43 10.35
C THR A 100 -7.54 0.89 8.89
N ALA A 101 -7.98 2.12 8.67
CA ALA A 101 -7.86 2.69 7.33
C ALA A 101 -6.41 2.81 6.86
N PRO A 102 -5.46 3.29 7.66
CA PRO A 102 -4.07 3.28 7.20
C PRO A 102 -3.53 1.90 6.88
N GLN A 103 -4.06 0.86 7.51
CA GLN A 103 -3.63 -0.51 7.20
C GLN A 103 -4.19 -1.03 5.88
N ILE A 104 -5.11 -0.30 5.24
CA ILE A 104 -5.58 -0.70 3.91
C ILE A 104 -4.41 -0.87 2.97
N ALA A 105 -3.43 0.02 3.06
CA ALA A 105 -2.26 -0.01 2.20
C ALA A 105 -1.50 -1.34 2.35
N GLU A 106 -1.42 -1.84 3.58
CA GLU A 106 -0.76 -3.12 3.81
C GLU A 106 -1.54 -4.27 3.18
N SER A 107 -2.87 -4.21 3.25
CA SER A 107 -3.69 -5.23 2.59
C SER A 107 -3.54 -5.19 1.08
N PHE A 108 -3.51 -3.99 0.47
CA PHE A 108 -3.25 -3.91 -0.96
C PHE A 108 -1.93 -4.58 -1.32
N GLN A 109 -0.88 -4.34 -0.53
CA GLN A 109 0.41 -4.96 -0.84
C GLN A 109 0.36 -6.47 -0.68
N ALA A 110 -0.30 -6.96 0.38
CA ALA A 110 -0.44 -8.40 0.58
C ALA A 110 -1.26 -9.04 -0.53
N ILE A 111 -2.33 -8.37 -0.96
CA ILE A 111 -3.18 -8.92 -2.03
C ILE A 111 -2.40 -9.02 -3.33
N TYR A 112 -1.81 -7.90 -3.77
CA TYR A 112 -1.11 -7.90 -5.04
C TYR A 112 0.13 -8.79 -5.02
N SER A 113 0.85 -8.83 -3.91
CA SER A 113 2.11 -9.58 -3.90
C SER A 113 1.90 -11.07 -3.69
N HIS A 114 0.82 -11.48 -3.02
CA HIS A 114 0.65 -12.90 -2.68
C HIS A 114 -0.75 -13.46 -2.86
N LEU A 115 -1.78 -12.74 -2.40
CA LEU A 115 -3.08 -13.38 -2.27
C LEU A 115 -3.72 -13.65 -3.62
N LEU A 116 -3.56 -12.75 -4.60
CA LEU A 116 -4.13 -12.99 -5.92
C LEU A 116 -3.56 -14.28 -6.51
N ALA A 117 -2.23 -14.40 -6.53
CA ALA A 117 -1.62 -15.59 -7.12
C ALA A 117 -2.03 -16.85 -6.37
N GLU A 118 -2.14 -16.77 -5.05
CA GLU A 118 -2.54 -17.94 -4.27
C GLU A 118 -3.96 -18.39 -4.61
N ARG A 119 -4.82 -17.47 -5.04
CA ARG A 119 -6.20 -17.79 -5.43
C ARG A 119 -6.36 -18.05 -6.92
N GLY A 120 -5.30 -17.88 -7.71
CA GLY A 120 -5.44 -18.01 -9.14
C GLY A 120 -6.16 -16.87 -9.81
N LEU A 121 -6.19 -15.70 -9.17
CA LEU A 121 -6.84 -14.52 -9.72
C LEU A 121 -5.80 -13.68 -10.44
N GLU A 122 -6.13 -13.25 -11.65
CA GLU A 122 -5.18 -12.53 -12.50
C GLU A 122 -5.56 -11.07 -12.56
N PRO A 123 -4.73 -10.16 -12.05
CA PRO A 123 -5.12 -8.75 -12.03
C PRO A 123 -5.14 -8.15 -13.42
N LYS A 124 -6.07 -7.20 -13.61
CA LYS A 124 -6.24 -6.52 -14.89
C LYS A 124 -6.22 -5.02 -14.61
N ALA A 125 -5.17 -4.35 -15.06
CA ALA A 125 -4.97 -2.93 -14.76
C ALA A 125 -6.21 -2.11 -15.08
N GLY A 126 -6.69 -1.39 -14.07
CA GLY A 126 -7.89 -0.57 -14.22
C GLY A 126 -8.04 0.40 -13.08
N VAL A 127 -9.18 0.35 -12.39
CA VAL A 127 -9.48 1.24 -11.28
C VAL A 127 -9.86 0.38 -10.08
N ASP A 128 -9.05 0.44 -9.02
CA ASP A 128 -9.32 -0.26 -7.78
C ASP A 128 -10.11 0.66 -6.87
N PHE A 129 -10.85 0.07 -5.92
CA PHE A 129 -11.45 0.95 -4.93
C PHE A 129 -11.66 0.26 -3.59
N GLU A 130 -11.63 1.10 -2.55
CA GLU A 130 -12.05 0.76 -1.21
C GLU A 130 -13.54 1.06 -1.08
N TYR A 131 -14.27 0.15 -0.43
CA TYR A 131 -15.72 0.21 -0.30
C TYR A 131 -16.03 0.26 1.19
N TYR A 132 -16.52 1.41 1.65
CA TYR A 132 -16.76 1.66 3.07
C TYR A 132 -18.27 1.63 3.31
N ASP A 133 -18.75 0.66 4.07
CA ASP A 133 -20.15 0.68 4.47
C ASP A 133 -20.28 0.77 5.98
N GLN A 134 -21.41 0.32 6.54
CA GLN A 134 -21.59 0.45 7.98
C GLN A 134 -20.68 -0.47 8.79
N ARG A 135 -20.00 -1.42 8.15
CA ARG A 135 -18.95 -2.18 8.82
C ARG A 135 -17.71 -1.32 9.12
N PHE A 136 -17.59 -0.15 8.51
CA PHE A 136 -16.49 0.75 8.80
C PHE A 136 -16.89 1.62 9.99
N ARG A 137 -16.15 1.49 11.09
CA ARG A 137 -16.50 2.14 12.34
C ARG A 137 -15.63 3.33 12.67
N GLY A 138 -14.73 3.72 11.78
CA GLY A 138 -13.80 4.79 12.05
C GLY A 138 -12.41 4.43 11.54
N PRO A 139 -11.64 5.44 11.17
CA PRO A 139 -10.36 5.18 10.48
C PRO A 139 -9.33 4.45 11.33
N LEU A 140 -9.38 4.55 12.65
CA LEU A 140 -8.40 3.90 13.50
C LEU A 140 -8.96 2.73 14.30
N ASP A 141 -10.21 2.35 14.06
CA ASP A 141 -10.78 1.24 14.79
C ASP A 141 -10.25 -0.08 14.23
N PRO A 142 -9.57 -0.90 15.05
CA PRO A 142 -9.03 -2.17 14.53
C PRO A 142 -10.10 -3.15 14.10
N ASN A 143 -11.35 -2.93 14.49
CA ASN A 143 -12.45 -3.80 14.11
C ASN A 143 -13.23 -3.29 12.93
N SER A 144 -12.78 -2.20 12.31
CA SER A 144 -13.38 -1.77 11.06
C SER A 144 -13.15 -2.80 9.98
N GLN A 145 -14.09 -2.88 9.05
CA GLN A 145 -13.92 -3.67 7.84
C GLN A 145 -14.16 -2.79 6.63
N VAL A 146 -13.36 -3.00 5.59
CA VAL A 146 -13.45 -2.27 4.33
C VAL A 146 -13.26 -3.29 3.22
N ASP A 147 -14.14 -3.31 2.24
CA ASP A 147 -13.94 -4.20 1.11
C ASP A 147 -13.01 -3.55 0.08
N LEU A 148 -12.09 -4.34 -0.45
CA LEU A 148 -11.13 -3.89 -1.45
C LEU A 148 -11.47 -4.58 -2.75
N TYR A 149 -11.86 -3.79 -3.75
CA TYR A 149 -12.26 -4.30 -5.06
C TYR A 149 -11.06 -4.23 -5.99
N ILE A 150 -10.55 -5.39 -6.37
CA ILE A 150 -9.33 -5.53 -7.18
C ILE A 150 -9.74 -5.95 -8.59
N PRO A 151 -9.51 -5.13 -9.61
CA PRO A 151 -9.91 -5.52 -10.97
C PRO A 151 -9.11 -6.72 -11.47
N ILE A 152 -9.82 -7.66 -12.10
CA ILE A 152 -9.24 -8.92 -12.54
C ILE A 152 -9.76 -9.29 -13.92
N TYR A 153 -9.06 -10.24 -14.55
CA TYR A 153 -9.54 -10.87 -15.77
C TYR A 153 -10.64 -11.86 -15.44
N ARG B 6 14.76 -0.90 -13.87
CA ARG B 6 16.01 -1.47 -13.40
C ARG B 6 15.84 -2.89 -12.85
N ILE B 7 16.51 -3.85 -13.46
CA ILE B 7 16.35 -5.27 -13.14
C ILE B 7 17.61 -5.74 -12.44
N VAL B 8 17.46 -6.28 -11.23
CA VAL B 8 18.58 -6.64 -10.36
C VAL B 8 18.35 -8.06 -9.86
N GLU B 9 19.38 -8.90 -9.94
CA GLU B 9 19.37 -10.20 -9.29
C GLU B 9 20.28 -10.15 -8.07
N ARG B 10 19.80 -10.70 -6.96
CA ARG B 10 20.64 -10.76 -5.78
C ARG B 10 20.58 -12.16 -5.18
N PRO B 11 21.69 -12.64 -4.61
CA PRO B 11 21.64 -13.86 -3.81
C PRO B 11 20.89 -13.60 -2.52
N ALA B 12 20.60 -14.69 -1.82
CA ALA B 12 19.97 -14.61 -0.51
C ALA B 12 20.83 -13.78 0.44
N PHE B 13 20.18 -13.10 1.38
CA PHE B 13 20.88 -12.35 2.40
C PHE B 13 20.07 -12.32 3.68
N SER B 14 20.76 -12.08 4.78
CA SER B 14 20.19 -12.11 6.11
C SER B 14 19.97 -10.68 6.61
N VAL B 15 18.82 -10.44 7.21
CA VAL B 15 18.47 -9.13 7.76
C VAL B 15 18.13 -9.32 9.24
N VAL B 16 18.66 -8.44 10.09
CA VAL B 16 18.35 -8.43 11.51
C VAL B 16 17.67 -7.11 11.86
N GLY B 17 16.56 -7.20 12.59
CA GLY B 17 15.88 -5.99 13.03
C GLY B 17 14.62 -6.27 13.81
N MET B 18 13.69 -5.33 13.79
CA MET B 18 12.48 -5.42 14.60
C MET B 18 11.25 -5.59 13.72
N GLU B 19 10.23 -6.24 14.28
CA GLU B 19 9.06 -6.68 13.55
C GLU B 19 7.84 -5.82 13.82
N TYR B 20 6.98 -5.73 12.81
CA TYR B 20 5.65 -5.17 12.92
C TYR B 20 4.64 -6.25 12.56
N PHE B 21 3.63 -6.42 13.41
CA PHE B 21 2.47 -7.24 13.14
C PHE B 21 1.26 -6.32 13.10
N GLY B 22 0.39 -6.52 12.13
CA GLY B 22 -0.85 -5.76 12.14
C GLY B 22 -1.76 -6.05 13.32
N SER B 23 -1.39 -6.98 14.20
CA SER B 23 -2.26 -7.43 15.26
C SER B 23 -2.21 -6.55 16.49
N ALA B 24 -1.08 -5.89 16.75
CA ALA B 24 -0.99 -5.01 17.91
C ALA B 24 -1.79 -3.75 17.64
N PRO B 25 -2.94 -3.54 18.28
CA PRO B 25 -3.83 -2.42 17.91
C PRO B 25 -3.17 -1.09 18.19
N GLY B 26 -3.17 -0.22 17.17
CA GLY B 26 -2.56 1.08 17.28
C GLY B 26 -1.13 1.15 16.81
N ASP B 27 -0.44 0.02 16.72
CA ASP B 27 0.93 0.03 16.23
C ASP B 27 0.93 0.30 14.72
N THR B 28 2.01 0.91 14.26
CA THR B 28 2.18 1.26 12.86
C THR B 28 3.63 0.99 12.46
N ILE B 29 3.85 0.87 11.16
CA ILE B 29 5.21 0.78 10.65
C ILE B 29 6.03 2.00 11.06
N GLY B 30 5.40 3.17 11.06
CA GLY B 30 6.12 4.37 11.49
C GLY B 30 6.61 4.28 12.92
N GLN B 31 5.76 3.76 13.81
CA GLN B 31 6.18 3.61 15.20
C GLN B 31 7.23 2.51 15.35
N LEU B 32 7.15 1.47 14.53
CA LEU B 32 8.21 0.46 14.52
C LEU B 32 9.56 1.11 14.28
N TRP B 33 9.65 1.96 13.25
CA TRP B 33 10.93 2.62 12.97
C TRP B 33 11.33 3.53 14.11
N GLU B 34 10.38 4.20 14.74
CA GLU B 34 10.70 5.10 15.86
C GLU B 34 11.33 4.33 17.02
N ARG B 35 10.79 3.15 17.34
CA ARG B 35 11.40 2.39 18.42
C ARG B 35 12.66 1.66 17.99
N PHE B 36 12.84 1.44 16.69
CA PHE B 36 14.04 0.77 16.19
C PHE B 36 15.24 1.71 16.16
N ILE B 37 15.02 2.97 15.81
CA ILE B 37 16.07 3.98 15.67
C ILE B 37 17.10 3.93 16.80
N PRO B 38 16.70 4.07 18.07
CA PRO B 38 17.71 4.11 19.15
C PRO B 38 18.40 2.79 19.40
N ARG B 39 17.95 1.70 18.78
CA ARG B 39 18.54 0.39 19.00
C ARG B 39 19.33 -0.12 17.81
N GLU B 40 19.34 0.62 16.69
CA GLU B 40 20.01 0.16 15.49
C GLU B 40 21.49 -0.11 15.74
N HIS B 41 22.12 0.70 16.58
CA HIS B 41 23.54 0.54 16.87
C HIS B 41 23.86 -0.81 17.52
N GLU B 42 22.87 -1.49 18.10
CA GLU B 42 23.14 -2.75 18.80
C GLU B 42 23.48 -3.90 17.86
N ILE B 43 23.15 -3.78 16.59
CA ILE B 43 23.26 -4.91 15.66
C ILE B 43 24.68 -5.00 15.15
N ALA B 44 25.35 -6.11 15.46
CA ALA B 44 26.70 -6.39 14.98
C ALA B 44 26.65 -7.09 13.63
N GLY B 45 27.77 -7.00 12.90
CA GLY B 45 27.92 -7.68 11.63
C GLY B 45 27.30 -6.98 10.44
N LYS B 46 27.04 -5.68 10.54
CA LYS B 46 26.36 -4.98 9.45
C LYS B 46 27.18 -4.97 8.18
N HIS B 47 26.51 -5.23 7.06
CA HIS B 47 27.09 -5.08 5.73
C HIS B 47 27.39 -3.61 5.43
N ASP B 48 26.45 -2.72 5.75
CA ASP B 48 26.54 -1.31 5.44
C ASP B 48 25.57 -0.54 6.32
N PRO B 49 26.04 0.11 7.39
CA PRO B 49 25.14 0.84 8.29
C PRO B 49 24.43 2.01 7.62
N GLU B 50 24.84 2.42 6.42
CA GLU B 50 24.17 3.50 5.71
C GLU B 50 22.92 3.03 4.98
N VAL B 51 22.65 1.73 4.96
CA VAL B 51 21.49 1.15 4.27
C VAL B 51 20.63 0.43 5.30
N SER B 52 19.32 0.68 5.26
CA SER B 52 18.37 -0.10 6.03
C SER B 52 17.27 -0.62 5.11
N TYR B 53 16.56 -1.64 5.60
CA TYR B 53 15.56 -2.35 4.82
C TYR B 53 14.21 -2.29 5.50
N GLY B 54 13.17 -2.12 4.70
CA GLY B 54 11.80 -2.37 5.13
C GLY B 54 11.28 -3.58 4.41
N ILE B 55 11.33 -4.74 5.07
CA ILE B 55 10.94 -6.00 4.43
C ILE B 55 9.42 -6.11 4.49
N CYS B 56 8.80 -6.32 3.32
CA CYS B 56 7.37 -6.61 3.23
C CYS B 56 7.22 -8.08 2.86
N ALA B 57 6.73 -8.87 3.81
CA ALA B 57 6.67 -10.32 3.68
C ALA B 57 5.26 -10.80 4.01
N GLN B 58 5.04 -12.11 3.87
CA GLN B 58 3.75 -12.72 4.17
C GLN B 58 3.96 -13.79 5.24
N GLN B 59 3.14 -13.75 6.29
CA GLN B 59 3.17 -14.78 7.30
C GLN B 59 2.55 -16.07 6.76
N PRO B 60 2.83 -17.21 7.39
CA PRO B 60 2.19 -18.47 6.95
C PRO B 60 0.69 -18.39 6.77
N ASN B 61 0.01 -17.77 7.73
CA ASN B 61 -1.44 -17.60 7.75
C ASN B 61 -1.96 -16.59 6.75
N GLY B 62 -1.08 -15.79 6.16
CA GLY B 62 -1.49 -14.85 5.12
C GLY B 62 -1.36 -13.37 5.44
N GLU B 63 -1.12 -12.91 6.67
CA GLU B 63 -1.04 -11.45 6.80
C GLU B 63 0.27 -10.88 6.32
N PHE B 64 0.16 -9.63 5.91
CA PHE B 64 1.28 -8.73 5.79
C PHE B 64 2.13 -8.77 7.04
N HIS B 65 3.44 -8.87 6.83
CA HIS B 65 4.42 -8.86 7.91
C HIS B 65 5.54 -7.93 7.48
N TYR B 66 6.12 -7.19 8.42
CA TYR B 66 7.11 -6.19 8.09
C TYR B 66 8.27 -6.26 9.06
N VAL B 67 9.49 -6.15 8.53
CA VAL B 67 10.70 -6.12 9.33
C VAL B 67 11.51 -4.88 8.95
N ALA B 68 11.82 -4.05 9.94
CA ALA B 68 12.76 -2.95 9.75
C ALA B 68 14.12 -3.46 10.20
N GLY B 69 15.11 -3.43 9.32
CA GLY B 69 16.36 -4.06 9.72
C GLY B 69 17.55 -3.72 8.85
N PHE B 70 18.67 -4.37 9.16
CA PHE B 70 19.93 -4.18 8.45
C PHE B 70 20.41 -5.51 7.88
N GLU B 71 21.00 -5.47 6.70
CA GLU B 71 21.69 -6.63 6.15
C GLU B 71 22.93 -6.93 7.00
N VAL B 72 23.09 -8.19 7.39
CA VAL B 72 24.20 -8.59 8.23
C VAL B 72 24.91 -9.80 7.65
N GLN B 73 26.21 -9.86 7.90
CA GLN B 73 26.91 -11.12 7.74
C GLN B 73 26.39 -12.11 8.78
N GLU B 74 26.38 -13.39 8.42
CA GLU B 74 25.89 -14.41 9.33
C GLU B 74 26.86 -14.57 10.49
N GLY B 75 26.35 -15.13 11.58
CA GLY B 75 27.18 -15.53 12.69
C GLY B 75 27.28 -14.55 13.83
N TRP B 76 26.60 -13.41 13.75
CA TRP B 76 26.60 -12.43 14.82
C TRP B 76 25.28 -12.49 15.57
N PRO B 77 25.21 -11.95 16.78
CA PRO B 77 24.00 -12.10 17.59
C PRO B 77 22.82 -11.31 17.04
N VAL B 78 21.63 -11.80 17.37
CA VAL B 78 20.37 -11.07 17.16
C VAL B 78 19.97 -10.50 18.52
N PRO B 79 19.94 -9.18 18.69
CA PRO B 79 19.62 -8.61 20.00
C PRO B 79 18.24 -8.99 20.51
N GLU B 80 18.08 -8.86 21.83
CA GLU B 80 16.79 -9.05 22.49
C GLU B 80 15.75 -8.16 21.82
N GLY B 81 14.57 -8.73 21.56
CA GLY B 81 13.50 -7.98 20.94
C GLY B 81 13.63 -7.81 19.44
N MET B 82 14.63 -8.44 18.83
CA MET B 82 14.84 -8.41 17.40
C MET B 82 14.76 -9.82 16.85
N VAL B 83 14.82 -9.94 15.52
CA VAL B 83 14.74 -11.22 14.83
C VAL B 83 15.69 -11.23 13.65
N ARG B 84 16.05 -12.43 13.22
CA ARG B 84 16.69 -12.65 11.93
C ARG B 84 15.63 -12.97 10.88
N PHE B 85 15.77 -12.41 9.69
CA PHE B 85 14.85 -12.66 8.60
C PHE B 85 15.67 -13.02 7.36
N GLN B 86 15.32 -14.14 6.73
CA GLN B 86 16.04 -14.61 5.54
C GLN B 86 15.34 -14.06 4.30
N VAL B 87 16.03 -13.21 3.55
CA VAL B 87 15.58 -12.80 2.23
C VAL B 87 16.11 -13.81 1.22
N PRO B 88 15.26 -14.51 0.49
CA PRO B 88 15.76 -15.50 -0.47
C PRO B 88 16.36 -14.84 -1.69
N ALA B 89 17.09 -15.65 -2.47
CA ALA B 89 17.61 -15.20 -3.75
C ALA B 89 16.46 -14.92 -4.69
N GLN B 90 16.45 -13.73 -5.29
CA GLN B 90 15.34 -13.31 -6.13
C GLN B 90 15.85 -12.41 -7.24
N LYS B 91 14.99 -12.24 -8.25
CA LYS B 91 15.16 -11.22 -9.27
C LYS B 91 14.15 -10.12 -8.97
N TYR B 92 14.58 -8.87 -9.12
CA TYR B 92 13.75 -7.73 -8.73
C TYR B 92 13.69 -6.69 -9.83
N ALA B 93 12.52 -6.04 -9.92
CA ALA B 93 12.38 -4.77 -10.59
C ALA B 93 12.46 -3.70 -9.51
N VAL B 94 13.34 -2.71 -9.73
CA VAL B 94 13.63 -1.68 -8.73
C VAL B 94 13.03 -0.36 -9.19
N PHE B 95 12.09 0.15 -8.41
CA PHE B 95 11.43 1.42 -8.69
C PHE B 95 11.81 2.42 -7.60
N THR B 96 12.14 3.64 -7.99
CA THR B 96 12.51 4.66 -7.04
C THR B 96 11.26 5.43 -6.62
N HIS B 97 10.89 5.31 -5.35
CA HIS B 97 9.81 6.08 -4.78
C HIS B 97 10.34 7.45 -4.37
N LYS B 98 9.64 8.49 -4.79
CA LYS B 98 9.95 9.87 -4.39
C LYS B 98 8.78 10.39 -3.57
N GLY B 99 9.04 10.67 -2.30
CA GLY B 99 8.00 11.14 -1.40
C GLY B 99 8.25 10.64 0.01
N THR B 100 7.23 10.76 0.84
CA THR B 100 7.37 10.38 2.24
C THR B 100 7.35 8.86 2.39
N ALA B 101 7.76 8.41 3.57
CA ALA B 101 7.70 6.98 3.85
C ALA B 101 6.27 6.44 3.88
N PRO B 102 5.29 7.11 4.50
CA PRO B 102 3.91 6.60 4.39
C PRO B 102 3.43 6.52 2.96
N GLN B 103 3.91 7.40 2.07
CA GLN B 103 3.52 7.34 0.67
C GLN B 103 4.12 6.14 -0.08
N ILE B 104 5.07 5.41 0.53
CA ILE B 104 5.57 4.18 -0.09
C ILE B 104 4.42 3.24 -0.44
N ALA B 105 3.42 3.19 0.43
CA ALA B 105 2.26 2.34 0.21
C ALA B 105 1.56 2.66 -1.11
N GLU B 106 1.48 3.94 -1.43
CA GLU B 106 0.85 4.36 -2.67
C GLU B 106 1.67 3.90 -3.87
N SER B 107 3.00 3.98 -3.77
CA SER B 107 3.86 3.48 -4.84
C SER B 107 3.72 1.98 -5.02
N PHE B 108 3.64 1.21 -3.92
CA PHE B 108 3.42 -0.24 -4.05
C PHE B 108 2.14 -0.52 -4.81
N GLN B 109 1.06 0.19 -4.49
CA GLN B 109 -0.21 -0.07 -5.16
C GLN B 109 -0.13 0.31 -6.63
N ALA B 110 0.54 1.42 -6.94
CA ALA B 110 0.68 1.83 -8.32
C ALA B 110 1.52 0.85 -9.11
N ILE B 111 2.61 0.36 -8.51
CA ILE B 111 3.50 -0.58 -9.19
C ILE B 111 2.74 -1.87 -9.50
N TYR B 112 2.12 -2.47 -8.49
CA TYR B 112 1.46 -3.76 -8.69
C TYR B 112 0.22 -3.64 -9.57
N SER B 113 -0.55 -2.56 -9.42
CA SER B 113 -1.80 -2.48 -10.18
C SER B 113 -1.59 -2.10 -11.63
N HIS B 114 -0.51 -1.35 -11.95
CA HIS B 114 -0.34 -0.85 -13.31
C HIS B 114 1.08 -0.94 -13.86
N LEU B 115 2.07 -0.56 -13.06
CA LEU B 115 3.39 -0.31 -13.63
C LEU B 115 4.09 -1.60 -14.06
N LEU B 116 3.90 -2.70 -13.32
CA LEU B 116 4.50 -3.96 -13.74
C LEU B 116 3.96 -4.39 -15.10
N ALA B 117 2.64 -4.37 -15.25
CA ALA B 117 2.05 -4.77 -16.52
C ALA B 117 2.47 -3.84 -17.65
N GLU B 118 2.58 -2.53 -17.37
CA GLU B 118 2.98 -1.58 -18.39
CA GLU B 118 2.99 -1.59 -18.40
C GLU B 118 4.41 -1.84 -18.86
N ARG B 119 5.25 -2.42 -18.00
CA ARG B 119 6.63 -2.73 -18.34
C ARG B 119 6.81 -4.15 -18.86
N GLY B 120 5.75 -4.95 -18.88
CA GLY B 120 5.85 -6.32 -19.30
C GLY B 120 6.45 -7.27 -18.29
N LEU B 121 6.42 -6.92 -17.01
CA LEU B 121 7.04 -7.70 -15.96
C LEU B 121 5.96 -8.51 -15.24
N GLU B 122 6.32 -9.74 -14.83
CA GLU B 122 5.38 -10.60 -14.15
C GLU B 122 5.80 -10.75 -12.69
N PRO B 123 4.97 -10.43 -11.72
CA PRO B 123 5.39 -10.55 -10.32
C PRO B 123 5.53 -12.01 -9.91
N LYS B 124 6.50 -12.27 -9.04
CA LYS B 124 6.74 -13.61 -8.53
C LYS B 124 6.69 -13.54 -7.02
N ALA B 125 5.62 -14.09 -6.45
CA ALA B 125 5.37 -13.97 -5.01
C ALA B 125 6.59 -14.42 -4.20
N GLY B 126 7.07 -13.52 -3.34
CA GLY B 126 8.29 -13.77 -2.59
C GLY B 126 8.41 -12.79 -1.44
N VAL B 127 9.51 -12.05 -1.40
CA VAL B 127 9.78 -11.07 -0.34
C VAL B 127 10.13 -9.75 -1.00
N ASP B 128 9.30 -8.73 -0.78
CA ASP B 128 9.55 -7.39 -1.28
C ASP B 128 10.33 -6.60 -0.23
N PHE B 129 11.03 -5.56 -0.67
CA PHE B 129 11.61 -4.69 0.35
C PHE B 129 11.81 -3.26 -0.12
N GLU B 130 11.73 -2.36 0.86
CA GLU B 130 12.16 -0.97 0.74
C GLU B 130 13.64 -0.87 1.09
N TYR B 131 14.36 -0.10 0.29
CA TYR B 131 15.81 0.05 0.40
C TYR B 131 16.09 1.52 0.70
N TYR B 132 16.52 1.79 1.93
CA TYR B 132 16.74 3.16 2.41
C TYR B 132 18.23 3.43 2.45
N ASP B 133 18.68 4.37 1.61
CA ASP B 133 20.08 4.79 1.65
C ASP B 133 20.16 6.27 2.02
N GLN B 134 21.28 6.92 1.71
CA GLN B 134 21.43 8.33 2.10
C GLN B 134 20.53 9.28 1.32
N ARG B 135 19.84 8.81 0.29
CA ARG B 135 18.80 9.62 -0.36
C ARG B 135 17.56 9.75 0.51
N PHE B 136 17.43 8.95 1.57
CA PHE B 136 16.30 9.04 2.48
C PHE B 136 16.61 10.05 3.57
N ARG B 137 15.81 11.12 3.63
CA ARG B 137 16.08 12.22 4.55
C ARG B 137 15.31 12.11 5.86
N GLY B 138 14.30 11.26 5.93
CA GLY B 138 13.43 11.20 7.08
C GLY B 138 12.03 10.80 6.65
N PRO B 139 11.24 10.27 7.58
CA PRO B 139 9.98 9.63 7.17
C PRO B 139 8.94 10.56 6.59
N LEU B 140 8.88 11.82 7.00
CA LEU B 140 7.86 12.73 6.51
C LEU B 140 8.41 13.80 5.58
N ASP B 141 9.64 13.62 5.10
CA ASP B 141 10.22 14.58 4.17
C ASP B 141 9.78 14.22 2.76
N PRO B 142 9.04 15.09 2.05
CA PRO B 142 8.65 14.78 0.67
C PRO B 142 9.81 14.72 -0.30
N ASN B 143 10.99 15.19 0.09
CA ASN B 143 12.17 15.14 -0.76
C ASN B 143 12.94 13.83 -0.63
N SER B 144 12.51 12.92 0.23
CA SER B 144 13.18 11.64 0.37
C SER B 144 12.97 10.78 -0.88
N GLN B 145 13.92 9.88 -1.10
CA GLN B 145 13.76 8.81 -2.08
C GLN B 145 14.07 7.48 -1.39
N VAL B 146 13.34 6.44 -1.81
CA VAL B 146 13.49 5.09 -1.30
C VAL B 146 13.33 4.16 -2.50
N ASP B 147 14.20 3.17 -2.64
CA ASP B 147 14.05 2.21 -3.72
C ASP B 147 13.17 1.05 -3.29
N LEU B 148 12.28 0.62 -4.19
CA LEU B 148 11.34 -0.45 -3.92
C LEU B 148 11.71 -1.64 -4.79
N TYR B 149 12.06 -2.76 -4.16
CA TYR B 149 12.51 -3.97 -4.85
C TYR B 149 11.33 -4.93 -4.94
N ILE B 150 10.84 -5.16 -6.15
CA ILE B 150 9.64 -5.95 -6.41
C ILE B 150 10.06 -7.27 -7.05
N PRO B 151 9.82 -8.42 -6.41
CA PRO B 151 10.25 -9.70 -7.00
C PRO B 151 9.45 -10.04 -8.24
N ILE B 152 10.16 -10.50 -9.27
CA ILE B 152 9.60 -10.77 -10.58
C ILE B 152 10.18 -12.07 -11.14
N TYR B 153 9.52 -12.56 -12.19
CA TYR B 153 10.07 -13.67 -12.98
C TYR B 153 11.17 -13.14 -13.88
#